data_3UBC
#
_entry.id   3UBC
#
_cell.length_a   70.227
_cell.length_b   126.533
_cell.length_c   148.236
_cell.angle_alpha   90.00
_cell.angle_beta   90.00
_cell.angle_gamma   90.00
#
_symmetry.space_group_name_H-M   'C 2 2 21'
#
loop_
_entity.id
_entity.type
_entity.pdbx_description
1 polymer 'Hemoglobin-like flavoprotein'
2 non-polymer 'PROTOPORPHYRIN IX CONTAINING FE'
3 non-polymer 'OXYGEN MOLECULE'
4 water water
#
_entity_poly.entity_id   1
_entity_poly.type   'polypeptide(L)'
_entity_poly.pdbx_seq_one_letter_code
;IDQKEKELIKESWKRIEPNKNEIGLLFYANLFKEEPTVSVLFQNPISSQSRKLMQVLGILVQGIDNLEGLIPTLQDLGRR
HKQYGVVDSHYPLVGDCLLKSIQEYLGQGFTEEAKAAWTKVYGIAAQVMTA
;
_entity_poly.pdbx_strand_id   A,D,G
#
loop_
_chem_comp.id
_chem_comp.type
_chem_comp.name
_chem_comp.formula
HEM non-polymer 'PROTOPORPHYRIN IX CONTAINING FE' 'C34 H32 Fe N4 O4'
OXY non-polymer 'OXYGEN MOLECULE' O2
#
# COMPACT_ATOMS: atom_id res chain seq x y z
N ILE A 1 10.69 -19.17 -14.07
CA ILE A 1 10.07 -17.82 -14.41
C ILE A 1 10.67 -17.20 -15.66
N ASP A 2 9.83 -16.58 -16.48
CA ASP A 2 10.26 -16.03 -17.77
C ASP A 2 10.52 -14.52 -17.68
N GLN A 3 10.93 -13.91 -18.80
CA GLN A 3 11.33 -12.52 -18.74
C GLN A 3 10.15 -11.60 -18.35
N LYS A 4 8.93 -11.86 -18.89
CA LYS A 4 7.82 -11.00 -18.53
C LYS A 4 7.52 -11.09 -17.02
N GLU A 5 7.57 -12.32 -16.50
CA GLU A 5 7.34 -12.50 -15.03
C GLU A 5 8.39 -11.79 -14.21
N LYS A 6 9.68 -11.90 -14.57
CA LYS A 6 10.70 -11.13 -13.85
C LYS A 6 10.40 -9.65 -13.83
N GLU A 7 10.00 -9.09 -15.00
CA GLU A 7 9.64 -7.68 -15.02
C GLU A 7 8.45 -7.29 -14.13
N LEU A 8 7.45 -8.16 -14.10
CA LEU A 8 6.26 -7.94 -13.30
C LEU A 8 6.61 -7.96 -11.85
N ILE A 9 7.48 -8.89 -11.44
CA ILE A 9 7.92 -8.87 -10.05
C ILE A 9 8.63 -7.55 -9.63
N LYS A 10 9.56 -7.07 -10.50
CA LYS A 10 10.23 -5.83 -10.23
C LYS A 10 9.28 -4.63 -10.20
N GLU A 11 8.35 -4.59 -11.15
CA GLU A 11 7.51 -3.41 -11.21
C GLU A 11 6.47 -3.42 -10.08
N SER A 12 5.92 -4.60 -9.81
CA SER A 12 4.89 -4.68 -8.78
C SER A 12 5.49 -4.47 -7.41
N TRP A 13 6.76 -4.90 -7.18
CA TRP A 13 7.41 -4.56 -5.93
C TRP A 13 7.46 -3.09 -5.65
N LYS A 14 7.38 -2.21 -6.68
CA LYS A 14 7.36 -0.78 -6.37
C LYS A 14 6.09 -0.29 -5.69
N ARG A 15 5.04 -1.08 -5.79
CA ARG A 15 3.81 -0.84 -4.98
C ARG A 15 3.74 -1.64 -3.71
N ILE A 16 4.28 -2.85 -3.76
CA ILE A 16 4.20 -3.68 -2.50
C ILE A 16 5.17 -3.11 -1.47
N GLU A 17 6.38 -2.70 -1.93
CA GLU A 17 7.43 -2.32 -0.95
C GLU A 17 7.07 -1.20 0.01
N PRO A 18 6.46 -0.09 -0.48
CA PRO A 18 6.17 1.02 0.42
C PRO A 18 5.02 0.64 1.38
N ASN A 19 4.38 -0.48 1.05
CA ASN A 19 3.23 -0.91 1.90
C ASN A 19 3.60 -2.20 2.59
N LYS A 20 4.90 -2.53 2.65
CA LYS A 20 5.28 -3.91 3.05
C LYS A 20 4.96 -4.20 4.53
N ASN A 21 4.97 -3.16 5.37
CA ASN A 21 4.76 -3.40 6.82
C ASN A 21 3.32 -3.74 7.05
N GLU A 22 2.45 -3.05 6.32
CA GLU A 22 1.00 -3.25 6.49
C GLU A 22 0.63 -4.57 5.90
N ILE A 23 1.22 -4.89 4.73
CA ILE A 23 0.83 -6.15 4.08
C ILE A 23 1.28 -7.37 5.00
N GLY A 24 2.47 -7.28 5.52
CA GLY A 24 2.95 -8.36 6.43
C GLY A 24 2.05 -8.57 7.60
N LEU A 25 1.73 -7.45 8.24
CA LEU A 25 0.90 -7.54 9.49
C LEU A 25 -0.52 -8.04 9.14
N LEU A 26 -1.11 -7.55 8.04
CA LEU A 26 -2.38 -8.06 7.57
C LEU A 26 -2.27 -9.63 7.30
N PHE A 27 -1.14 -10.06 6.71
CA PHE A 27 -0.95 -11.45 6.39
C PHE A 27 -1.02 -12.28 7.72
N TYR A 28 -0.36 -11.81 8.78
CA TYR A 28 -0.43 -12.67 10.05
C TYR A 28 -1.85 -12.64 10.57
N ALA A 29 -2.56 -11.49 10.47
CA ALA A 29 -3.97 -11.52 10.98
C ALA A 29 -4.78 -12.50 10.13
N ASN A 30 -4.65 -12.46 8.82
CA ASN A 30 -5.38 -13.33 7.98
C ASN A 30 -4.98 -14.81 8.19
N LEU A 31 -3.69 -15.08 8.35
CA LEU A 31 -3.23 -16.48 8.50
C LEU A 31 -3.77 -17.01 9.83
N PHE A 32 -3.71 -16.21 10.88
CA PHE A 32 -4.16 -16.71 12.23
C PHE A 32 -5.67 -16.88 12.22
N LYS A 33 -6.43 -16.05 11.50
CA LYS A 33 -7.87 -16.34 11.40
C LYS A 33 -8.12 -17.58 10.52
N GLU A 34 -7.39 -17.82 9.44
CA GLU A 34 -7.70 -18.94 8.58
C GLU A 34 -7.32 -20.26 9.27
N GLU A 35 -6.20 -20.27 9.97
CA GLU A 35 -5.64 -21.53 10.55
C GLU A 35 -5.13 -21.20 11.95
N PRO A 36 -6.05 -21.05 12.95
CA PRO A 36 -5.66 -20.60 14.26
C PRO A 36 -4.57 -21.51 14.86
N THR A 37 -4.50 -22.78 14.44
CA THR A 37 -3.43 -23.65 15.02
C THR A 37 -1.98 -23.24 14.71
N VAL A 38 -1.75 -22.58 13.55
CA VAL A 38 -0.40 -22.20 13.20
C VAL A 38 0.15 -21.12 14.11
N SER A 39 -0.73 -20.33 14.75
CA SER A 39 -0.30 -19.19 15.52
C SER A 39 0.62 -19.58 16.73
N VAL A 40 0.49 -20.83 17.21
CA VAL A 40 1.35 -21.26 18.28
C VAL A 40 2.81 -21.35 17.92
N LEU A 41 3.08 -21.52 16.63
CA LEU A 41 4.47 -21.67 16.15
C LEU A 41 5.23 -20.36 16.20
N PHE A 42 4.51 -19.23 16.21
CA PHE A 42 5.14 -17.91 16.19
C PHE A 42 5.40 -17.45 17.58
N GLN A 43 6.65 -17.55 18.03
CA GLN A 43 6.96 -17.25 19.42
C GLN A 43 7.51 -15.83 19.62
N ASN A 44 7.96 -15.19 18.54
CA ASN A 44 8.56 -13.83 18.62
C ASN A 44 7.58 -12.73 18.32
N PRO A 45 7.88 -11.48 18.67
CA PRO A 45 6.94 -10.38 18.34
C PRO A 45 6.57 -10.40 16.87
N ILE A 46 5.26 -10.22 16.59
CA ILE A 46 4.80 -10.34 15.23
C ILE A 46 5.31 -9.15 14.42
N SER A 47 5.48 -7.99 15.07
CA SER A 47 6.02 -6.78 14.38
C SER A 47 7.43 -7.12 13.88
N SER A 48 8.21 -7.84 14.67
CA SER A 48 9.53 -8.14 14.13
C SER A 48 9.48 -9.24 13.10
N GLN A 49 8.59 -10.20 13.25
CA GLN A 49 8.52 -11.31 12.33
C GLN A 49 8.09 -10.79 10.94
N SER A 50 7.17 -9.87 10.85
CA SER A 50 6.71 -9.30 9.56
C SER A 50 7.88 -8.64 8.87
N ARG A 51 8.68 -7.93 9.66
CA ARG A 51 9.90 -7.29 9.05
C ARG A 51 10.78 -8.35 8.41
N LYS A 52 10.98 -9.48 9.09
CA LYS A 52 11.86 -10.48 8.51
C LYS A 52 11.30 -11.12 7.24
N LEU A 53 9.99 -11.41 7.23
CA LEU A 53 9.40 -12.08 6.05
C LEU A 53 9.50 -11.06 4.88
N MET A 54 9.26 -9.80 5.17
CA MET A 54 9.24 -8.80 4.05
C MET A 54 10.66 -8.57 3.54
N GLN A 55 11.61 -8.69 4.43
CA GLN A 55 13.03 -8.57 4.02
C GLN A 55 13.36 -9.71 3.01
N VAL A 56 13.01 -10.96 3.30
CA VAL A 56 13.23 -12.00 2.37
C VAL A 56 12.48 -11.84 1.07
N LEU A 57 11.27 -11.32 1.13
CA LEU A 57 10.55 -11.12 -0.18
C LEU A 57 11.38 -10.08 -0.99
N GLY A 58 11.96 -9.12 -0.31
CA GLY A 58 12.79 -8.09 -1.04
C GLY A 58 13.98 -8.76 -1.65
N ILE A 59 14.62 -9.66 -0.89
CA ILE A 59 15.72 -10.46 -1.47
C ILE A 59 15.32 -11.27 -2.69
N LEU A 60 14.13 -11.88 -2.70
CA LEU A 60 13.66 -12.63 -3.86
C LEU A 60 13.58 -11.61 -5.06
N VAL A 61 13.07 -10.40 -4.77
CA VAL A 61 12.94 -9.40 -5.89
C VAL A 61 14.35 -9.00 -6.36
N GLN A 62 15.24 -8.72 -5.40
CA GLN A 62 16.62 -8.26 -5.76
C GLN A 62 17.22 -9.36 -6.65
N GLY A 63 16.97 -10.63 -6.34
CA GLY A 63 17.55 -11.78 -7.10
C GLY A 63 16.77 -12.37 -8.19
N ILE A 64 15.65 -11.69 -8.57
CA ILE A 64 14.69 -12.34 -9.39
C ILE A 64 15.21 -12.76 -10.80
N ASP A 65 16.24 -12.06 -11.25
CA ASP A 65 16.78 -12.47 -12.58
C ASP A 65 17.53 -13.81 -12.51
N ASN A 66 17.90 -14.27 -11.30
CA ASN A 66 18.70 -15.50 -11.22
C ASN A 66 18.30 -16.20 -9.86
N LEU A 67 17.09 -16.67 -9.81
CA LEU A 67 16.58 -17.34 -8.52
C LEU A 67 17.46 -18.54 -8.19
N GLU A 68 18.06 -19.17 -9.20
CA GLU A 68 19.05 -20.25 -8.88
C GLU A 68 20.13 -19.85 -7.93
N GLY A 69 20.58 -18.58 -7.99
CA GLY A 69 21.61 -18.03 -7.12
C GLY A 69 21.16 -18.04 -5.67
N LEU A 70 19.83 -18.12 -5.45
CA LEU A 70 19.29 -18.02 -4.07
C LEU A 70 19.04 -19.41 -3.45
N ILE A 71 19.36 -20.46 -4.21
CA ILE A 71 19.00 -21.79 -3.75
C ILE A 71 19.66 -22.06 -2.40
N PRO A 72 20.94 -21.74 -2.22
CA PRO A 72 21.49 -22.14 -0.91
C PRO A 72 20.87 -21.39 0.27
N THR A 73 20.65 -20.07 0.14
CA THR A 73 19.88 -19.27 1.09
C THR A 73 18.53 -19.90 1.42
N LEU A 74 17.74 -20.28 0.38
CA LEU A 74 16.41 -20.78 0.56
C LEU A 74 16.46 -22.15 1.20
N GLN A 75 17.46 -22.94 0.81
CA GLN A 75 17.64 -24.27 1.51
C GLN A 75 17.93 -24.08 2.99
N ASP A 76 18.80 -23.13 3.36
CA ASP A 76 19.09 -22.87 4.80
C ASP A 76 17.79 -22.38 5.50
N LEU A 77 17.07 -21.52 4.80
CA LEU A 77 15.84 -21.02 5.46
C LEU A 77 14.83 -22.18 5.62
N GLY A 78 14.74 -23.09 4.68
CA GLY A 78 13.84 -24.23 4.77
C GLY A 78 14.22 -25.15 5.95
N ARG A 79 15.52 -25.37 6.09
CA ARG A 79 16.02 -26.16 7.27
C ARG A 79 15.65 -25.56 8.60
N ARG A 80 15.81 -24.24 8.75
CA ARG A 80 15.39 -23.54 9.94
C ARG A 80 13.92 -23.72 10.15
N HIS A 81 13.15 -23.61 9.08
CA HIS A 81 11.67 -23.76 9.22
C HIS A 81 11.26 -25.13 9.78
N LYS A 82 12.00 -26.16 9.39
CA LYS A 82 11.63 -27.49 9.88
C LYS A 82 11.80 -27.48 11.39
N GLN A 83 12.85 -26.81 11.90
CA GLN A 83 13.13 -26.65 13.37
C GLN A 83 12.00 -25.94 14.07
N TYR A 84 11.37 -25.00 13.39
CA TYR A 84 10.21 -24.30 13.99
C TYR A 84 8.91 -25.13 14.05
N GLY A 85 8.83 -26.28 13.45
CA GLY A 85 7.58 -27.05 13.41
C GLY A 85 6.78 -26.95 12.13
N VAL A 86 7.37 -26.26 11.14
CA VAL A 86 6.71 -26.07 9.90
C VAL A 86 6.76 -27.31 9.03
N VAL A 87 5.63 -27.67 8.44
CA VAL A 87 5.66 -28.89 7.62
C VAL A 87 5.22 -28.57 6.22
N ASP A 88 5.35 -29.52 5.27
CA ASP A 88 5.03 -29.21 3.86
C ASP A 88 3.65 -28.66 3.63
N SER A 89 2.62 -29.13 4.34
CA SER A 89 1.30 -28.66 4.04
C SER A 89 1.06 -27.19 4.43
N HIS A 90 1.93 -26.65 5.28
CA HIS A 90 1.81 -25.24 5.68
C HIS A 90 2.14 -24.34 4.49
N TYR A 91 2.96 -24.82 3.54
CA TYR A 91 3.43 -23.85 2.45
C TYR A 91 2.27 -23.37 1.56
N PRO A 92 1.37 -24.23 1.09
CA PRO A 92 0.34 -23.72 0.23
C PRO A 92 -0.59 -22.79 1.04
N LEU A 93 -0.78 -23.10 2.32
CA LEU A 93 -1.66 -22.29 3.20
C LEU A 93 -1.07 -20.87 3.26
N VAL A 94 0.21 -20.83 3.58
CA VAL A 94 0.94 -19.54 3.70
C VAL A 94 0.94 -18.79 2.33
N GLY A 95 1.23 -19.48 1.24
CA GLY A 95 1.25 -18.77 -0.09
C GLY A 95 -0.14 -18.19 -0.39
N ASP A 96 -1.20 -18.97 -0.16
CA ASP A 96 -2.54 -18.45 -0.45
C ASP A 96 -2.82 -17.22 0.40
N CYS A 97 -2.47 -17.29 1.68
CA CYS A 97 -2.79 -16.22 2.57
C CYS A 97 -1.96 -14.95 2.22
N LEU A 98 -0.69 -15.15 1.87
CA LEU A 98 0.16 -14.00 1.55
C LEU A 98 -0.38 -13.33 0.28
N LEU A 99 -0.56 -14.12 -0.76
CA LEU A 99 -1.11 -13.54 -2.03
C LEU A 99 -2.44 -12.85 -1.82
N LYS A 100 -3.35 -13.45 -1.08
CA LYS A 100 -4.61 -12.79 -0.73
C LYS A 100 -4.44 -11.50 0.01
N SER A 101 -3.45 -11.44 0.89
CA SER A 101 -3.29 -10.26 1.72
C SER A 101 -2.71 -9.11 0.86
N ILE A 102 -1.78 -9.46 -0.06
CA ILE A 102 -1.23 -8.37 -0.95
C ILE A 102 -2.41 -7.88 -1.81
N GLN A 103 -3.22 -8.81 -2.30
CA GLN A 103 -4.42 -8.44 -3.19
C GLN A 103 -5.38 -7.58 -2.36
N GLU A 104 -5.60 -7.97 -1.10
CA GLU A 104 -6.55 -7.18 -0.27
C GLU A 104 -6.03 -5.77 -0.05
N TYR A 105 -4.75 -5.62 0.35
CA TYR A 105 -4.27 -4.34 0.84
C TYR A 105 -4.16 -3.42 -0.40
N LEU A 106 -3.80 -4.00 -1.53
CA LEU A 106 -3.48 -3.07 -2.70
C LEU A 106 -4.71 -2.92 -3.61
N GLY A 107 -5.70 -3.78 -3.42
CA GLY A 107 -6.86 -3.83 -4.35
C GLY A 107 -6.45 -3.97 -5.82
N GLN A 108 -7.10 -3.16 -6.69
CA GLN A 108 -6.78 -3.33 -8.13
C GLN A 108 -5.39 -2.82 -8.50
N GLY A 109 -4.71 -2.20 -7.54
CA GLY A 109 -3.30 -1.86 -7.76
C GLY A 109 -2.34 -3.05 -7.80
N PHE A 110 -2.84 -4.22 -7.40
CA PHE A 110 -2.13 -5.49 -7.64
C PHE A 110 -2.78 -6.14 -8.84
N THR A 111 -2.06 -6.03 -9.98
CA THR A 111 -2.69 -6.53 -11.22
C THR A 111 -2.80 -8.06 -11.34
N GLU A 112 -3.71 -8.55 -12.17
CA GLU A 112 -3.81 -9.97 -12.36
C GLU A 112 -2.50 -10.57 -12.84
N GLU A 113 -1.80 -9.81 -13.71
CA GLU A 113 -0.55 -10.29 -14.21
C GLU A 113 0.55 -10.37 -13.14
N ALA A 114 0.62 -9.35 -12.30
CA ALA A 114 1.60 -9.38 -11.22
C ALA A 114 1.27 -10.50 -10.23
N LYS A 115 -0.01 -10.71 -9.97
CA LYS A 115 -0.40 -11.77 -9.00
C LYS A 115 -0.02 -13.12 -9.51
N ALA A 116 -0.23 -13.38 -10.81
CA ALA A 116 0.20 -14.64 -11.38
C ALA A 116 1.75 -14.87 -11.24
N ALA A 117 2.50 -13.81 -11.50
CA ALA A 117 3.98 -13.92 -11.40
C ALA A 117 4.37 -14.20 -9.92
N TRP A 118 3.74 -13.50 -8.98
CA TRP A 118 4.13 -13.71 -7.53
C TRP A 118 3.68 -15.10 -7.05
N THR A 119 2.62 -15.61 -7.63
CA THR A 119 2.12 -16.96 -7.31
C THR A 119 3.20 -17.97 -7.70
N LYS A 120 3.79 -17.77 -8.88
CA LYS A 120 4.86 -18.61 -9.38
C LYS A 120 6.13 -18.52 -8.60
N VAL A 121 6.50 -17.29 -8.21
CA VAL A 121 7.73 -17.05 -7.41
C VAL A 121 7.53 -17.73 -6.02
N TYR A 122 6.34 -17.57 -5.43
CA TYR A 122 6.14 -18.20 -4.09
C TYR A 122 6.28 -19.72 -4.21
N GLY A 123 5.69 -20.29 -5.25
CA GLY A 123 5.80 -21.73 -5.50
C GLY A 123 7.24 -22.15 -5.64
N ILE A 124 8.05 -21.41 -6.41
CA ILE A 124 9.48 -21.74 -6.49
C ILE A 124 10.23 -21.73 -5.17
N ALA A 125 10.04 -20.66 -4.38
CA ALA A 125 10.67 -20.53 -3.10
C ALA A 125 10.24 -21.71 -2.17
N ALA A 126 8.95 -22.04 -2.17
CA ALA A 126 8.39 -23.12 -1.28
C ALA A 126 8.98 -24.44 -1.73
N GLN A 127 9.14 -24.63 -3.03
CA GLN A 127 9.75 -25.87 -3.53
C GLN A 127 11.20 -26.01 -3.07
N VAL A 128 11.98 -24.94 -3.17
CA VAL A 128 13.39 -25.01 -2.76
C VAL A 128 13.52 -25.25 -1.26
N MET A 129 12.66 -24.58 -0.50
CA MET A 129 12.72 -24.66 0.96
C MET A 129 12.38 -26.05 1.47
N THR A 130 11.59 -26.79 0.70
CA THR A 130 11.08 -28.12 1.19
C THR A 130 11.75 -29.28 0.49
N ALA A 131 12.62 -28.95 -0.46
CA ALA A 131 13.69 -29.80 -1.02
C ALA A 131 13.22 -30.38 -2.30
N ILE B 1 -11.35 11.34 33.94
CA ILE B 1 -9.95 11.51 33.44
C ILE B 1 -9.39 12.89 33.84
N ASP B 2 -8.28 12.89 34.58
CA ASP B 2 -7.65 14.17 35.02
C ASP B 2 -6.88 14.90 33.90
N GLN B 3 -6.39 16.10 34.22
CA GLN B 3 -5.76 16.97 33.22
C GLN B 3 -4.47 16.36 32.64
N LYS B 4 -3.72 15.67 33.48
CA LYS B 4 -2.42 15.15 33.12
C LYS B 4 -2.64 13.93 32.21
N GLU B 5 -3.54 13.04 32.64
CA GLU B 5 -4.00 11.92 31.78
C GLU B 5 -4.53 12.40 30.42
N LYS B 6 -5.40 13.41 30.39
CA LYS B 6 -5.83 13.98 29.10
C LYS B 6 -4.64 14.39 28.25
N GLU B 7 -3.68 15.12 28.82
CA GLU B 7 -2.49 15.48 28.04
C GLU B 7 -1.70 14.26 27.52
N LEU B 8 -1.54 13.23 28.37
CA LEU B 8 -0.81 12.05 27.94
C LEU B 8 -1.50 11.35 26.75
N ILE B 9 -2.83 11.23 26.78
CA ILE B 9 -3.60 10.79 25.61
C ILE B 9 -3.28 11.62 24.37
N LYS B 10 -3.31 12.95 24.49
CA LYS B 10 -3.10 13.77 23.34
C LYS B 10 -1.63 13.66 22.80
N GLU B 11 -0.68 13.57 23.74
CA GLU B 11 0.81 13.45 23.52
C GLU B 11 1.12 12.14 22.79
N SER B 12 0.63 11.02 23.37
CA SER B 12 0.89 9.68 22.77
C SER B 12 0.17 9.53 21.43
N TRP B 13 -0.97 10.21 21.23
CA TRP B 13 -1.64 10.08 19.94
C TRP B 13 -0.80 10.64 18.78
N LYS B 14 0.07 11.63 19.06
CA LYS B 14 0.87 12.13 17.94
C LYS B 14 1.92 11.10 17.50
N ARG B 15 2.22 10.12 18.32
CA ARG B 15 3.17 8.99 17.99
C ARG B 15 2.34 7.81 17.33
N ILE B 16 1.18 7.58 17.95
CA ILE B 16 0.26 6.45 17.43
C ILE B 16 -0.24 6.78 16.06
N GLU B 17 -0.75 7.99 15.87
CA GLU B 17 -1.43 8.33 14.63
C GLU B 17 -0.68 8.08 13.30
N PRO B 18 0.58 8.57 13.19
CA PRO B 18 1.34 8.29 11.99
C PRO B 18 1.66 6.76 11.74
N ASN B 19 1.51 5.97 12.82
CA ASN B 19 1.75 4.56 12.76
C ASN B 19 0.39 3.78 12.82
N LYS B 20 -0.74 4.47 12.61
CA LYS B 20 -2.00 3.81 13.03
C LYS B 20 -2.33 2.61 12.16
N ASN B 21 -1.95 2.62 10.87
CA ASN B 21 -2.29 1.49 9.97
C ASN B 21 -1.58 0.23 10.48
N GLU B 22 -0.31 0.37 10.80
CA GLU B 22 0.44 -0.77 11.25
C GLU B 22 0.00 -1.25 12.64
N ILE B 23 -0.19 -0.31 13.58
CA ILE B 23 -0.62 -0.66 14.94
C ILE B 23 -1.99 -1.42 14.88
N GLY B 24 -2.90 -0.98 14.00
CA GLY B 24 -4.26 -1.65 13.97
C GLY B 24 -4.10 -3.03 13.40
N LEU B 25 -3.24 -3.20 12.38
CA LEU B 25 -3.15 -4.56 11.83
C LEU B 25 -2.37 -5.48 12.77
N LEU B 26 -1.34 -4.95 13.47
CA LEU B 26 -0.64 -5.74 14.46
C LEU B 26 -1.58 -6.17 15.58
N PHE B 27 -2.51 -5.29 15.98
CA PHE B 27 -3.52 -5.63 16.98
C PHE B 27 -4.31 -6.85 16.55
N TYR B 28 -4.78 -6.88 15.30
CA TYR B 28 -5.55 -8.14 14.88
C TYR B 28 -4.71 -9.41 14.93
N ALA B 29 -3.44 -9.32 14.45
CA ALA B 29 -2.61 -10.50 14.49
C ALA B 29 -2.42 -10.95 15.91
N ASN B 30 -2.11 -10.00 16.79
CA ASN B 30 -1.90 -10.36 18.19
C ASN B 30 -3.20 -10.90 18.84
N LEU B 31 -4.32 -10.31 18.51
CA LEU B 31 -5.63 -10.75 19.11
C LEU B 31 -5.95 -12.16 18.68
N PHE B 32 -5.70 -12.44 17.41
CA PHE B 32 -6.06 -13.72 16.87
C PHE B 32 -5.11 -14.81 17.32
N LYS B 33 -3.85 -14.46 17.63
CA LYS B 33 -2.96 -15.39 18.32
C LYS B 33 -3.30 -15.59 19.80
N GLU B 34 -3.65 -14.52 20.51
CA GLU B 34 -3.89 -14.63 21.99
C GLU B 34 -5.21 -15.26 22.28
N GLU B 35 -6.20 -15.01 21.42
CA GLU B 35 -7.58 -15.46 21.61
C GLU B 35 -8.10 -16.07 20.32
N PRO B 36 -7.63 -17.27 19.99
CA PRO B 36 -8.00 -17.85 18.69
C PRO B 36 -9.52 -17.95 18.45
N THR B 37 -10.29 -18.13 19.51
CA THR B 37 -11.77 -18.24 19.40
C THR B 37 -12.48 -17.00 18.85
N VAL B 38 -11.87 -15.82 18.99
CA VAL B 38 -12.63 -14.60 18.63
C VAL B 38 -12.52 -14.26 17.16
N SER B 39 -11.57 -14.84 16.41
CA SER B 39 -11.43 -14.46 15.01
C SER B 39 -12.64 -14.78 14.15
N VAL B 40 -13.44 -15.77 14.63
CA VAL B 40 -14.65 -16.08 13.89
C VAL B 40 -15.69 -14.96 13.87
N LEU B 41 -15.60 -13.98 14.79
CA LEU B 41 -16.50 -12.84 14.83
C LEU B 41 -16.20 -11.82 13.72
N PHE B 42 -14.94 -11.80 13.28
CA PHE B 42 -14.50 -10.78 12.30
C PHE B 42 -14.66 -11.29 10.90
N GLN B 43 -15.75 -10.83 10.30
CA GLN B 43 -16.22 -11.35 9.03
C GLN B 43 -16.02 -10.42 7.85
N ASN B 44 -15.53 -9.22 8.12
CA ASN B 44 -15.22 -8.32 7.01
C ASN B 44 -13.69 -8.28 6.78
N PRO B 45 -13.21 -7.66 5.71
CA PRO B 45 -11.73 -7.65 5.51
C PRO B 45 -11.03 -6.96 6.66
N ILE B 46 -9.90 -7.54 7.11
CA ILE B 46 -9.31 -7.00 8.31
C ILE B 46 -8.67 -5.64 7.99
N SER B 47 -8.23 -5.42 6.75
CA SER B 47 -7.64 -4.08 6.38
C SER B 47 -8.69 -2.98 6.62
N SER B 48 -9.92 -3.30 6.27
CA SER B 48 -10.96 -2.26 6.48
C SER B 48 -11.38 -2.16 7.90
N GLN B 49 -11.44 -3.29 8.62
CA GLN B 49 -11.74 -3.28 10.05
C GLN B 49 -10.75 -2.40 10.83
N SER B 50 -9.44 -2.58 10.56
CA SER B 50 -8.39 -1.83 11.26
C SER B 50 -8.58 -0.29 11.04
N ARG B 51 -8.93 0.08 9.81
CA ARG B 51 -9.19 1.48 9.52
C ARG B 51 -10.33 2.00 10.35
N LYS B 52 -11.38 1.20 10.49
CA LYS B 52 -12.51 1.62 11.34
C LYS B 52 -12.16 1.75 12.81
N LEU B 53 -11.39 0.82 13.38
CA LEU B 53 -11.05 0.90 14.75
C LEU B 53 -10.18 2.15 14.97
N MET B 54 -9.21 2.35 14.08
CA MET B 54 -8.22 3.44 14.38
C MET B 54 -8.96 4.79 14.23
N GLN B 55 -9.93 4.85 13.33
CA GLN B 55 -10.74 6.08 13.18
C GLN B 55 -11.47 6.42 14.51
N VAL B 56 -12.06 5.43 15.16
CA VAL B 56 -12.78 5.70 16.43
C VAL B 56 -11.81 6.10 17.53
N LEU B 57 -10.64 5.49 17.58
CA LEU B 57 -9.67 5.84 18.59
C LEU B 57 -9.33 7.32 18.38
N GLY B 58 -9.29 7.77 17.12
CA GLY B 58 -8.96 9.20 16.78
C GLY B 58 -10.07 10.07 17.34
N ILE B 59 -11.30 9.59 17.16
CA ILE B 59 -12.46 10.31 17.70
C ILE B 59 -12.45 10.41 19.23
N LEU B 60 -12.03 9.37 19.94
CA LEU B 60 -11.86 9.43 21.38
C LEU B 60 -10.80 10.47 21.76
N VAL B 61 -9.75 10.55 20.94
CA VAL B 61 -8.73 11.57 21.24
C VAL B 61 -9.27 12.96 20.97
N GLN B 62 -9.87 13.15 19.81
CA GLN B 62 -10.47 14.44 19.47
C GLN B 62 -11.45 14.92 20.55
N GLY B 63 -12.18 14.01 21.20
CA GLY B 63 -13.15 14.39 22.25
C GLY B 63 -12.75 14.15 23.70
N ILE B 64 -11.44 14.07 23.94
CA ILE B 64 -10.90 13.65 25.22
C ILE B 64 -11.18 14.70 26.34
N ASP B 65 -11.42 15.92 25.93
CA ASP B 65 -11.72 16.95 26.95
C ASP B 65 -13.16 16.90 27.38
N ASN B 66 -13.95 16.06 26.71
CA ASN B 66 -15.37 15.95 27.05
C ASN B 66 -15.88 14.62 26.48
N LEU B 67 -15.53 13.57 27.20
CA LEU B 67 -15.89 12.19 26.77
C LEU B 67 -17.39 12.01 26.95
N GLU B 68 -17.97 12.69 27.96
CA GLU B 68 -19.45 12.68 28.04
C GLU B 68 -20.16 13.10 26.71
N GLY B 69 -19.54 13.91 25.86
CA GLY B 69 -20.12 14.20 24.55
C GLY B 69 -20.16 12.98 23.60
N LEU B 70 -19.41 11.95 23.94
CA LEU B 70 -19.28 10.81 23.03
C LEU B 70 -20.18 9.66 23.46
N ILE B 71 -20.89 9.88 24.55
CA ILE B 71 -21.76 8.83 25.08
C ILE B 71 -22.75 8.26 24.04
N PRO B 72 -23.47 9.12 23.27
CA PRO B 72 -24.37 8.50 22.26
C PRO B 72 -23.74 7.63 21.17
N THR B 73 -22.71 8.17 20.51
CA THR B 73 -21.79 7.45 19.63
C THR B 73 -21.37 6.12 20.21
N LEU B 74 -20.84 6.12 21.44
CA LEU B 74 -20.38 4.87 22.08
C LEU B 74 -21.53 3.89 22.44
N GLN B 75 -22.66 4.43 22.90
CA GLN B 75 -23.85 3.56 23.07
C GLN B 75 -24.30 2.89 21.79
N ASP B 76 -24.41 3.64 20.69
CA ASP B 76 -24.78 3.09 19.42
C ASP B 76 -23.75 2.05 18.97
N LEU B 77 -22.46 2.34 19.20
CA LEU B 77 -21.46 1.36 18.77
C LEU B 77 -21.55 0.09 19.64
N GLY B 78 -21.86 0.21 20.92
CA GLY B 78 -21.93 -0.97 21.79
C GLY B 78 -23.11 -1.88 21.35
N ARG B 79 -24.16 -1.26 20.88
CA ARG B 79 -25.40 -2.03 20.42
C ARG B 79 -25.06 -2.84 19.18
N ARG B 80 -24.30 -2.23 18.27
CA ARG B 80 -23.82 -2.87 17.10
C ARG B 80 -22.96 -4.02 17.47
N HIS B 81 -22.08 -3.83 18.48
CA HIS B 81 -21.21 -4.91 18.96
C HIS B 81 -22.00 -6.16 19.47
N LYS B 82 -23.09 -5.94 20.19
CA LYS B 82 -23.94 -7.05 20.62
C LYS B 82 -24.42 -7.75 19.35
N GLN B 83 -24.80 -7.04 18.30
CA GLN B 83 -25.31 -7.70 17.10
C GLN B 83 -24.20 -8.50 16.38
N TYR B 84 -22.94 -8.15 16.67
CA TYR B 84 -21.84 -8.94 16.08
C TYR B 84 -21.39 -10.15 16.91
N GLY B 85 -22.09 -10.45 18.01
CA GLY B 85 -21.76 -11.59 18.83
C GLY B 85 -20.83 -11.29 19.96
N VAL B 86 -20.55 -10.00 20.20
CA VAL B 86 -19.54 -9.59 21.20
C VAL B 86 -20.19 -9.59 22.56
N VAL B 87 -19.49 -10.09 23.57
CA VAL B 87 -20.04 -10.13 24.93
C VAL B 87 -19.12 -9.36 25.88
N ASP B 88 -19.61 -9.06 27.10
CA ASP B 88 -18.84 -8.18 27.96
C ASP B 88 -17.42 -8.66 28.24
N SER B 89 -17.25 -9.97 28.41
CA SER B 89 -15.97 -10.50 28.80
C SER B 89 -14.90 -10.35 27.66
N HIS B 90 -15.35 -10.01 26.45
CA HIS B 90 -14.40 -9.77 25.35
C HIS B 90 -13.64 -8.47 25.56
N TYR B 91 -14.25 -7.53 26.31
CA TYR B 91 -13.68 -6.18 26.36
C TYR B 91 -12.32 -6.09 27.02
N PRO B 92 -12.14 -6.73 28.20
CA PRO B 92 -10.80 -6.65 28.80
C PRO B 92 -9.71 -7.28 27.92
N LEU B 93 -10.07 -8.34 27.20
CA LEU B 93 -9.12 -9.06 26.32
C LEU B 93 -8.70 -8.13 25.16
N VAL B 94 -9.67 -7.44 24.58
CA VAL B 94 -9.38 -6.55 23.46
C VAL B 94 -8.55 -5.36 23.96
N GLY B 95 -8.94 -4.81 25.11
CA GLY B 95 -8.18 -3.70 25.66
C GLY B 95 -6.74 -4.11 25.93
N ASP B 96 -6.51 -5.26 26.56
CA ASP B 96 -5.16 -5.67 26.87
C ASP B 96 -4.36 -5.80 25.57
N CYS B 97 -4.98 -6.41 24.54
CA CYS B 97 -4.23 -6.70 23.35
C CYS B 97 -3.94 -5.41 22.61
N LEU B 98 -4.89 -4.50 22.58
CA LEU B 98 -4.69 -3.21 21.91
C LEU B 98 -3.52 -2.44 22.56
N LEU B 99 -3.57 -2.38 23.89
CA LEU B 99 -2.47 -1.67 24.60
C LEU B 99 -1.10 -2.31 24.42
N LYS B 100 -1.02 -3.63 24.43
CA LYS B 100 0.20 -4.37 24.24
C LYS B 100 0.68 -4.15 22.81
N SER B 101 -0.25 -4.00 21.86
CA SER B 101 0.17 -3.82 20.48
C SER B 101 0.74 -2.43 20.20
N ILE B 102 0.11 -1.40 20.81
CA ILE B 102 0.64 -0.01 20.73
C ILE B 102 2.06 -0.02 21.39
N GLN B 103 2.17 -0.63 22.58
CA GLN B 103 3.53 -0.76 23.31
C GLN B 103 4.58 -1.45 22.43
N GLU B 104 4.17 -2.52 21.76
CA GLU B 104 5.07 -3.30 20.96
C GLU B 104 5.53 -2.42 19.76
N TYR B 105 4.62 -1.78 19.06
CA TYR B 105 5.02 -1.11 17.83
C TYR B 105 5.86 0.13 18.16
N LEU B 106 5.48 0.84 19.22
CA LEU B 106 6.19 2.17 19.53
C LEU B 106 7.36 2.00 20.46
N GLY B 107 7.48 0.87 21.20
CA GLY B 107 8.56 0.59 22.19
C GLY B 107 8.70 1.69 23.22
N GLN B 108 9.92 2.20 23.36
CA GLN B 108 10.20 3.41 24.18
C GLN B 108 9.32 4.61 23.92
N GLY B 109 8.83 4.76 22.66
CA GLY B 109 7.89 5.81 22.23
C GLY B 109 6.59 5.85 23.03
N PHE B 110 6.26 4.77 23.71
CA PHE B 110 5.01 4.59 24.51
C PHE B 110 5.39 4.42 25.98
N THR B 111 5.27 5.53 26.75
CA THR B 111 5.66 5.48 28.14
C THR B 111 4.67 4.73 29.04
N GLU B 112 5.13 4.40 30.23
CA GLU B 112 4.24 3.69 31.15
C GLU B 112 3.06 4.57 31.55
N GLU B 113 3.32 5.88 31.65
CA GLU B 113 2.32 6.81 32.09
C GLU B 113 1.26 6.95 30.98
N ALA B 114 1.71 6.97 29.72
CA ALA B 114 0.80 7.03 28.59
C ALA B 114 -0.02 5.74 28.50
N LYS B 115 0.61 4.60 28.76
CA LYS B 115 -0.10 3.29 28.70
C LYS B 115 -1.18 3.27 29.80
N ALA B 116 -0.82 3.74 31.01
CA ALA B 116 -1.83 3.86 32.10
C ALA B 116 -3.01 4.73 31.69
N ALA B 117 -2.74 5.88 31.08
CA ALA B 117 -3.78 6.77 30.65
C ALA B 117 -4.70 6.08 29.65
N TRP B 118 -4.09 5.44 28.65
CA TRP B 118 -4.93 4.74 27.65
C TRP B 118 -5.72 3.63 28.26
N THR B 119 -5.15 2.95 29.26
CA THR B 119 -5.91 1.97 30.01
C THR B 119 -7.24 2.53 30.55
N LYS B 120 -7.20 3.76 31.07
CA LYS B 120 -8.35 4.32 31.71
C LYS B 120 -9.35 4.73 30.63
N VAL B 121 -8.82 5.27 29.53
CA VAL B 121 -9.63 5.78 28.43
C VAL B 121 -10.36 4.57 27.73
N TYR B 122 -9.64 3.45 27.57
CA TYR B 122 -10.25 2.25 27.02
C TYR B 122 -11.38 1.77 27.97
N GLY B 123 -11.08 1.67 29.27
CA GLY B 123 -12.06 1.29 30.28
C GLY B 123 -13.33 2.12 30.25
N ILE B 124 -13.20 3.44 30.06
CA ILE B 124 -14.37 4.33 29.97
C ILE B 124 -15.18 4.03 28.72
N ALA B 125 -14.50 3.81 27.61
CA ALA B 125 -15.17 3.56 26.36
C ALA B 125 -15.89 2.20 26.49
N ALA B 126 -15.26 1.19 27.12
CA ALA B 126 -15.85 -0.17 27.19
C ALA B 126 -17.05 -0.13 28.16
N GLN B 127 -16.91 0.61 29.27
CA GLN B 127 -18.08 0.76 30.18
C GLN B 127 -19.30 1.33 29.52
N VAL B 128 -19.14 2.44 28.80
CA VAL B 128 -20.20 3.08 28.00
C VAL B 128 -20.81 2.12 26.96
N MET B 129 -19.95 1.40 26.21
CA MET B 129 -20.46 0.52 25.23
C MET B 129 -21.25 -0.65 25.83
N THR B 130 -20.88 -1.10 27.03
CA THR B 130 -21.56 -2.23 27.61
C THR B 130 -22.69 -1.80 28.58
N ALA B 131 -22.93 -0.49 28.74
CA ALA B 131 -24.06 0.05 29.56
C ALA B 131 -24.32 -0.74 30.84
N ILE C 1 0.24 28.25 -13.98
CA ILE C 1 0.38 28.43 -15.48
C ILE C 1 -0.03 29.84 -15.98
N ASP C 2 0.92 30.68 -16.37
CA ASP C 2 0.58 32.07 -16.81
C ASP C 2 0.26 32.17 -18.34
N GLN C 3 -0.03 33.38 -18.83
CA GLN C 3 -0.46 33.58 -20.19
C GLN C 3 0.66 33.25 -21.19
N LYS C 4 1.90 33.59 -20.82
CA LYS C 4 3.02 33.33 -21.72
C LYS C 4 3.22 31.82 -21.82
N GLU C 5 3.03 31.14 -20.70
CA GLU C 5 3.19 29.66 -20.69
C GLU C 5 2.12 28.99 -21.52
N LYS C 6 0.87 29.44 -21.39
CA LYS C 6 -0.23 28.94 -22.24
C LYS C 6 0.12 29.11 -23.73
N GLU C 7 0.66 30.28 -24.08
CA GLU C 7 0.92 30.50 -25.54
C GLU C 7 2.11 29.67 -26.08
N LEU C 8 3.07 29.36 -25.19
CA LEU C 8 4.19 28.50 -25.47
C LEU C 8 3.67 27.06 -25.67
N ILE C 9 2.78 26.61 -24.78
CA ILE C 9 2.12 25.33 -25.08
C ILE C 9 1.44 25.27 -26.44
N LYS C 10 0.65 26.32 -26.82
CA LYS C 10 -0.03 26.32 -28.10
C LYS C 10 0.98 26.38 -29.26
N GLU C 11 2.05 27.15 -29.09
CA GLU C 11 3.01 27.30 -30.23
C GLU C 11 3.79 25.98 -30.48
N SER C 12 4.19 25.37 -29.36
CA SER C 12 4.98 24.14 -29.47
C SER C 12 4.12 22.94 -29.87
N TRP C 13 2.85 22.95 -29.49
CA TRP C 13 1.90 22.01 -30.04
C TRP C 13 1.75 22.05 -31.56
N LYS C 14 1.83 23.29 -32.14
CA LYS C 14 1.90 23.31 -33.58
C LYS C 14 3.09 22.69 -34.26
N ARG C 15 4.19 22.56 -33.49
CA ARG C 15 5.35 21.80 -33.94
C ARG C 15 5.23 20.24 -33.65
N ILE C 16 4.65 19.93 -32.48
CA ILE C 16 4.53 18.48 -32.07
C ILE C 16 3.46 17.79 -32.86
N GLU C 17 2.30 18.47 -33.03
CA GLU C 17 1.15 17.81 -33.69
C GLU C 17 1.37 17.10 -35.05
N PRO C 18 2.06 17.76 -36.04
CA PRO C 18 2.23 17.15 -37.33
C PRO C 18 3.28 16.06 -37.29
N ASN C 19 4.00 16.01 -36.16
CA ASN C 19 5.01 14.95 -35.92
C ASN C 19 4.59 14.04 -34.73
N LYS C 20 3.31 14.05 -34.41
CA LYS C 20 2.88 13.30 -33.17
C LYS C 20 3.10 11.83 -33.20
N ASN C 21 2.92 11.18 -34.37
CA ASN C 21 3.07 9.72 -34.46
C ASN C 21 4.55 9.34 -34.19
N GLU C 22 5.44 10.13 -34.74
CA GLU C 22 6.86 9.85 -34.60
C GLU C 22 7.28 10.16 -33.18
N ILE C 23 6.84 11.26 -32.58
CA ILE C 23 7.29 11.63 -31.28
C ILE C 23 6.77 10.57 -30.26
N GLY C 24 5.56 10.16 -30.44
CA GLY C 24 5.01 9.13 -29.47
C GLY C 24 5.85 7.88 -29.57
N LEU C 25 6.16 7.44 -30.79
CA LEU C 25 6.81 6.11 -30.95
C LEU C 25 8.22 6.26 -30.41
N LEU C 26 8.91 7.40 -30.72
CA LEU C 26 10.26 7.60 -30.13
C LEU C 26 10.20 7.59 -28.63
N PHE C 27 9.20 8.22 -28.04
CA PHE C 27 9.06 8.18 -26.60
C PHE C 27 9.10 6.71 -26.02
N TYR C 28 8.38 5.81 -26.66
CA TYR C 28 8.32 4.35 -26.06
C TYR C 28 9.73 3.76 -26.27
N ALA C 29 10.36 3.98 -27.46
CA ALA C 29 11.73 3.44 -27.69
C ALA C 29 12.64 3.95 -26.57
N ASN C 30 12.62 5.27 -26.32
CA ASN C 30 13.49 5.93 -25.30
C ASN C 30 13.16 5.44 -23.88
N LEU C 31 11.86 5.30 -23.58
CA LEU C 31 11.41 4.86 -22.25
C LEU C 31 11.90 3.44 -22.01
N PHE C 32 11.77 2.58 -22.99
CA PHE C 32 12.12 1.15 -22.77
C PHE C 32 13.62 1.00 -22.76
N LYS C 33 14.35 1.87 -23.48
CA LYS C 33 15.83 1.87 -23.28
C LYS C 33 16.23 2.42 -21.92
N GLU C 34 15.55 3.39 -21.33
CA GLU C 34 16.01 3.93 -20.05
C GLU C 34 15.57 3.04 -18.88
N GLU C 35 14.37 2.43 -18.96
CA GLU C 35 13.83 1.60 -17.77
C GLU C 35 13.40 0.33 -18.39
N PRO C 36 14.29 -0.69 -18.42
CA PRO C 36 14.22 -1.86 -19.29
C PRO C 36 13.12 -2.87 -18.88
N THR C 37 12.43 -2.62 -17.72
CA THR C 37 11.37 -3.52 -17.14
C THR C 37 9.95 -2.86 -17.18
N VAL C 38 9.86 -1.63 -17.63
CA VAL C 38 8.52 -1.02 -17.54
C VAL C 38 7.65 -1.44 -18.72
N SER C 39 8.31 -1.89 -19.79
CA SER C 39 7.53 -2.29 -21.00
C SER C 39 6.53 -3.40 -20.72
N VAL C 40 6.77 -4.22 -19.67
CA VAL C 40 5.80 -5.27 -19.40
C VAL C 40 4.38 -4.74 -19.02
N LEU C 41 4.29 -3.53 -18.58
CA LEU C 41 2.97 -2.96 -18.22
C LEU C 41 2.14 -2.65 -19.42
N PHE C 42 2.80 -2.44 -20.53
CA PHE C 42 2.12 -2.15 -21.83
C PHE C 42 1.67 -3.40 -22.51
N GLN C 43 0.40 -3.70 -22.36
CA GLN C 43 -0.15 -4.94 -22.88
C GLN C 43 -0.79 -4.81 -24.29
N ASN C 44 -0.94 -3.58 -24.77
CA ASN C 44 -1.51 -3.43 -26.11
C ASN C 44 -0.46 -3.00 -27.14
N PRO C 45 -0.79 -3.05 -28.45
CA PRO C 45 0.20 -2.72 -29.47
C PRO C 45 0.72 -1.30 -29.19
N ILE C 46 2.03 -1.10 -29.30
CA ILE C 46 2.55 0.19 -28.96
C ILE C 46 2.11 1.30 -29.93
N SER C 47 1.88 0.95 -31.19
CA SER C 47 1.35 2.01 -32.12
C SER C 47 -0.02 2.51 -31.62
N SER C 48 -0.86 1.59 -31.11
CA SER C 48 -2.17 2.09 -30.52
C SER C 48 -2.03 2.88 -29.31
N GLN C 49 -1.09 2.47 -28.39
CA GLN C 49 -0.89 3.18 -27.20
C GLN C 49 -0.36 4.59 -27.45
N SER C 50 0.54 4.70 -28.45
CA SER C 50 1.11 5.98 -28.77
C SER C 50 0.03 7.00 -29.30
N ARG C 51 -0.92 6.45 -30.05
CA ARG C 51 -2.02 7.34 -30.50
C ARG C 51 -2.82 7.84 -29.34
N LYS C 52 -3.08 6.96 -28.34
CA LYS C 52 -3.83 7.38 -27.18
C LYS C 52 -3.14 8.43 -26.37
N LEU C 53 -1.80 8.28 -26.16
CA LEU C 53 -1.12 9.22 -25.34
C LEU C 53 -1.15 10.60 -26.08
N MET C 54 -0.94 10.55 -27.37
CA MET C 54 -0.76 11.83 -28.11
C MET C 54 -2.16 12.52 -28.16
N GLN C 55 -3.21 11.74 -28.27
CA GLN C 55 -4.59 12.31 -28.19
C GLN C 55 -4.83 13.03 -26.87
N VAL C 56 -4.38 12.47 -25.72
CA VAL C 56 -4.59 13.17 -24.49
C VAL C 56 -3.72 14.42 -24.39
N LEU C 57 -2.51 14.36 -24.96
CA LEU C 57 -1.67 15.53 -24.86
C LEU C 57 -2.40 16.68 -25.66
N GLY C 58 -3.04 16.27 -26.72
CA GLY C 58 -3.74 17.26 -27.60
C GLY C 58 -4.94 17.83 -26.83
N ILE C 59 -5.61 16.98 -26.06
CA ILE C 59 -6.68 17.48 -25.11
C ILE C 59 -6.24 18.46 -24.07
N LEU C 60 -5.06 18.27 -23.43
CA LEU C 60 -4.47 19.20 -22.54
C LEU C 60 -4.27 20.55 -23.24
N VAL C 61 -3.73 20.46 -24.47
CA VAL C 61 -3.46 21.72 -25.25
C VAL C 61 -4.80 22.45 -25.48
N GLN C 62 -5.75 21.72 -26.01
CA GLN C 62 -7.11 22.22 -26.24
C GLN C 62 -7.73 22.82 -25.00
N GLY C 63 -7.52 22.21 -23.83
CA GLY C 63 -7.93 22.84 -22.58
C GLY C 63 -7.03 23.77 -21.83
N ILE C 64 -5.96 24.25 -22.47
CA ILE C 64 -4.88 24.85 -21.72
C ILE C 64 -5.29 26.16 -21.03
N ASP C 65 -6.30 26.82 -21.59
CA ASP C 65 -6.78 28.08 -20.97
C ASP C 65 -7.57 27.85 -19.72
N ASN C 66 -8.02 26.59 -19.52
CA ASN C 66 -8.70 26.20 -18.27
C ASN C 66 -8.50 24.74 -17.89
N LEU C 67 -7.33 24.48 -17.33
CA LEU C 67 -6.91 23.11 -16.96
C LEU C 67 -7.80 22.56 -15.84
N GLU C 68 -8.33 23.49 -15.03
CA GLU C 68 -9.30 23.11 -14.02
C GLU C 68 -10.44 22.26 -14.53
N GLY C 69 -10.93 22.57 -15.72
CA GLY C 69 -12.00 21.82 -16.32
C GLY C 69 -11.61 20.41 -16.70
N LEU C 70 -10.30 20.14 -16.70
CA LEU C 70 -9.74 18.80 -17.07
C LEU C 70 -9.46 17.92 -15.84
N ILE C 71 -9.75 18.47 -14.66
CA ILE C 71 -9.45 17.80 -13.38
C ILE C 71 -10.18 16.45 -13.33
N PRO C 72 -11.50 16.40 -13.61
CA PRO C 72 -12.18 15.10 -13.56
C PRO C 72 -11.62 14.07 -14.54
N THR C 73 -11.42 14.49 -15.77
CA THR C 73 -10.75 13.65 -16.76
C THR C 73 -9.43 13.08 -16.22
N LEU C 74 -8.60 13.94 -15.66
CA LEU C 74 -7.25 13.53 -15.23
C LEU C 74 -7.39 12.62 -14.01
N GLN C 75 -8.33 12.93 -13.13
CA GLN C 75 -8.53 12.01 -12.00
C GLN C 75 -8.92 10.60 -12.41
N ASP C 76 -9.84 10.44 -13.39
CA ASP C 76 -10.34 9.17 -13.87
C ASP C 76 -9.13 8.46 -14.49
N LEU C 77 -8.34 9.24 -15.25
CA LEU C 77 -7.17 8.68 -15.93
C LEU C 77 -6.20 8.07 -14.91
N GLY C 78 -5.91 8.84 -13.86
CA GLY C 78 -4.93 8.57 -12.81
C GLY C 78 -5.39 7.31 -12.11
N ARG C 79 -6.70 7.19 -11.89
CA ARG C 79 -7.22 5.96 -11.23
C ARG C 79 -6.98 4.72 -12.04
N ARG C 80 -7.27 4.77 -13.36
CA ARG C 80 -7.06 3.69 -14.25
C ARG C 80 -5.57 3.36 -14.28
N HIS C 81 -4.70 4.36 -14.27
CA HIS C 81 -3.27 4.04 -14.29
C HIS C 81 -2.84 3.20 -13.02
N LYS C 82 -3.40 3.50 -11.88
CA LYS C 82 -3.05 2.67 -10.66
C LYS C 82 -3.43 1.21 -10.97
N GLN C 83 -4.56 1.01 -11.66
CA GLN C 83 -5.03 -0.32 -12.03
C GLN C 83 -4.20 -1.06 -13.05
N TYR C 84 -3.32 -0.31 -13.78
CA TYR C 84 -2.40 -0.92 -14.75
C TYR C 84 -1.09 -1.26 -14.04
N GLY C 85 -0.95 -0.90 -12.79
CA GLY C 85 0.30 -1.11 -12.01
C GLY C 85 1.28 0.07 -12.11
N VAL C 86 0.79 1.23 -12.57
CA VAL C 86 1.62 2.43 -12.61
C VAL C 86 1.75 3.05 -11.21
N VAL C 87 2.96 3.37 -10.75
CA VAL C 87 3.21 3.92 -9.44
C VAL C 87 3.68 5.33 -9.50
N ASP C 88 3.64 6.05 -8.39
CA ASP C 88 4.05 7.48 -8.47
C ASP C 88 5.44 7.70 -9.04
N SER C 89 6.41 6.86 -8.70
CA SER C 89 7.77 6.99 -9.25
C SER C 89 7.92 6.85 -10.78
N HIS C 90 6.93 6.28 -11.44
CA HIS C 90 6.94 6.15 -12.92
C HIS C 90 6.71 7.56 -13.55
N TYR C 91 6.06 8.45 -12.83
CA TYR C 91 5.69 9.73 -13.49
C TYR C 91 6.89 10.62 -13.84
N PRO C 92 7.84 10.84 -12.90
CA PRO C 92 9.04 11.69 -13.33
C PRO C 92 9.80 11.03 -14.51
N LEU C 93 9.86 9.70 -14.52
CA LEU C 93 10.54 8.94 -15.58
C LEU C 93 9.89 9.20 -16.93
N VAL C 94 8.55 9.13 -16.91
CA VAL C 94 7.79 9.23 -18.14
C VAL C 94 7.94 10.69 -18.61
N GLY C 95 7.82 11.60 -17.66
CA GLY C 95 7.89 13.08 -18.02
C GLY C 95 9.19 13.44 -18.65
N ASP C 96 10.28 13.08 -18.02
CA ASP C 96 11.63 13.31 -18.57
C ASP C 96 11.76 12.65 -19.93
N CYS C 97 11.33 11.40 -20.11
CA CYS C 97 11.50 10.72 -21.35
C CYS C 97 10.65 11.38 -22.45
N LEU C 98 9.43 11.78 -22.10
CA LEU C 98 8.56 12.42 -23.09
C LEU C 98 9.22 13.75 -23.54
N LEU C 99 9.60 14.54 -22.57
CA LEU C 99 10.17 15.88 -22.92
C LEU C 99 11.44 15.67 -23.69
N LYS C 100 12.26 14.68 -23.33
CA LYS C 100 13.52 14.49 -24.12
C LYS C 100 13.22 13.99 -25.53
N SER C 101 12.14 13.23 -25.71
CA SER C 101 11.80 12.68 -27.01
C SER C 101 11.25 13.82 -27.91
N ILE C 102 10.43 14.68 -27.30
CA ILE C 102 9.98 15.90 -28.07
C ILE C 102 11.17 16.72 -28.49
N GLN C 103 12.08 16.96 -27.56
CA GLN C 103 13.29 17.79 -27.81
C GLN C 103 14.10 17.11 -28.89
N GLU C 104 14.23 15.75 -28.81
CA GLU C 104 15.01 15.04 -29.80
C GLU C 104 14.47 15.08 -31.24
N TYR C 105 13.15 14.94 -31.39
CA TYR C 105 12.59 14.76 -32.68
C TYR C 105 12.52 16.14 -33.31
N LEU C 106 12.24 17.14 -32.52
CA LEU C 106 12.04 18.51 -33.16
C LEU C 106 13.32 19.33 -33.19
N GLY C 107 14.35 18.98 -32.40
CA GLY C 107 15.51 19.80 -32.25
C GLY C 107 15.17 21.21 -31.82
N GLN C 108 15.79 22.17 -32.55
CA GLN C 108 15.63 23.55 -32.17
C GLN C 108 14.19 24.10 -32.27
N GLY C 109 13.32 23.35 -32.94
CA GLY C 109 11.90 23.71 -33.17
C GLY C 109 11.17 23.68 -31.83
N PHE C 110 11.72 22.92 -30.86
CA PHE C 110 11.21 22.92 -29.49
C PHE C 110 12.06 23.83 -28.60
N THR C 111 11.57 25.04 -28.29
CA THR C 111 12.44 26.03 -27.68
C THR C 111 12.65 25.77 -26.20
N GLU C 112 13.67 26.41 -25.64
CA GLU C 112 13.87 26.15 -24.20
C GLU C 112 12.70 26.63 -23.36
N GLU C 113 12.06 27.74 -23.76
CA GLU C 113 10.90 28.22 -23.01
C GLU C 113 9.69 27.29 -23.17
N ALA C 114 9.49 26.75 -24.35
CA ALA C 114 8.41 25.83 -24.59
C ALA C 114 8.61 24.54 -23.72
N LYS C 115 9.86 24.10 -23.66
CA LYS C 115 10.14 22.87 -22.85
C LYS C 115 9.89 23.16 -21.38
N ALA C 116 10.22 24.36 -20.91
CA ALA C 116 9.93 24.73 -19.53
C ALA C 116 8.45 24.76 -19.22
N ALA C 117 7.64 25.30 -20.14
CA ALA C 117 6.17 25.28 -20.03
C ALA C 117 5.61 23.85 -20.02
N TRP C 118 6.13 23.00 -20.87
CA TRP C 118 5.64 21.60 -20.90
C TRP C 118 6.02 20.86 -19.62
N THR C 119 7.17 21.21 -19.05
CA THR C 119 7.62 20.60 -17.76
C THR C 119 6.58 20.89 -16.69
N LYS C 120 6.11 22.15 -16.68
CA LYS C 120 5.10 22.54 -15.70
C LYS C 120 3.77 21.88 -15.94
N VAL C 121 3.32 21.81 -17.20
CA VAL C 121 2.03 21.29 -17.52
C VAL C 121 2.03 19.75 -17.18
N TYR C 122 3.10 19.06 -17.61
CA TYR C 122 3.21 17.63 -17.28
C TYR C 122 3.16 17.48 -15.75
N GLY C 123 3.85 18.34 -15.02
CA GLY C 123 3.94 18.25 -13.54
C GLY C 123 2.54 18.42 -12.95
N ILE C 124 1.77 19.33 -13.53
CA ILE C 124 0.37 19.50 -13.12
C ILE C 124 -0.51 18.30 -13.35
N ALA C 125 -0.46 17.75 -14.55
CA ALA C 125 -1.23 16.60 -14.95
C ALA C 125 -0.81 15.41 -14.01
N ALA C 126 0.50 15.23 -13.80
CA ALA C 126 0.97 14.12 -12.93
C ALA C 126 0.43 14.29 -11.52
N GLN C 127 0.48 15.51 -10.97
CA GLN C 127 -0.09 15.79 -9.60
C GLN C 127 -1.54 15.44 -9.48
N VAL C 128 -2.33 15.83 -10.47
CA VAL C 128 -3.77 15.56 -10.48
C VAL C 128 -4.05 14.08 -10.60
N MET C 129 -3.27 13.39 -11.42
CA MET C 129 -3.49 11.97 -11.67
C MET C 129 -3.13 11.13 -10.45
N THR C 130 -2.18 11.60 -9.68
CA THR C 130 -1.66 10.77 -8.56
C THR C 130 -2.24 11.17 -7.21
N ALA C 131 -3.12 12.19 -7.24
CA ALA C 131 -4.01 12.58 -6.12
C ALA C 131 -3.18 13.13 -5.00
CHA HEM D . 10.50 -17.56 10.48
CHB HEM D . 10.51 -16.33 5.86
CHC HEM D . 7.27 -19.78 4.98
CHD HEM D . 6.42 -20.10 9.70
C1A HEM D . 10.84 -16.99 9.27
C2A HEM D . 11.96 -16.10 9.10
C3A HEM D . 11.92 -15.77 7.82
C4A HEM D . 10.84 -16.42 7.21
CMA HEM D . 12.87 -14.82 7.10
CAA HEM D . 12.93 -15.57 10.16
CBA HEM D . 13.83 -16.68 10.71
CGA HEM D . 14.75 -17.33 9.76
O1A HEM D . 14.95 -18.59 9.86
O2A HEM D . 15.35 -16.57 8.95
C1B HEM D . 9.66 -17.15 5.17
C2B HEM D . 9.46 -17.25 3.76
C3B HEM D . 8.58 -18.24 3.50
C4B HEM D . 8.17 -18.80 4.81
CMB HEM D . 10.17 -16.35 2.67
CAB HEM D . 7.92 -18.79 2.23
CBB HEM D . 8.43 -18.52 1.00
C1C HEM D . 6.79 -20.17 6.27
C2C HEM D . 5.68 -21.08 6.41
C3C HEM D . 5.39 -21.15 7.72
C4C HEM D . 6.31 -20.23 8.34
CMC HEM D . 5.06 -21.85 5.26
CAC HEM D . 4.32 -22.05 8.33
CBC HEM D . 3.56 -21.49 9.31
C1D HEM D . 7.47 -19.50 10.32
C2D HEM D . 7.74 -19.56 11.74
C3D HEM D . 8.93 -18.78 12.01
C4D HEM D . 9.36 -18.28 10.70
CMD HEM D . 6.95 -20.25 12.89
CAD HEM D . 9.62 -18.54 13.36
CBD HEM D . 8.90 -17.52 14.24
CGD HEM D . 9.66 -17.44 15.56
O1D HEM D . 10.82 -16.96 15.57
O2D HEM D . 9.14 -17.89 16.64
NA HEM D . 10.14 -17.24 8.12
NB HEM D . 8.83 -18.07 5.76
NC HEM D . 7.19 -19.55 7.45
ND HEM D . 8.49 -18.78 9.77
FE HEM D . 8.65 -18.38 7.78
O1 OXY E . 7.30 -16.69 7.95
O2 OXY E . 6.19 -16.69 7.39
CHA HEM F . -16.78 -3.63 14.69
CHB HEM F . -14.68 -0.24 17.29
CHC HEM F . -14.35 -3.35 20.94
CHD HEM F . -15.27 -6.90 17.93
C1A HEM F . -16.31 -2.38 15.19
C2A HEM F . -16.43 -1.16 14.43
C3A HEM F . -15.81 -0.28 15.15
C4A HEM F . -15.39 -0.95 16.32
CMA HEM F . -15.67 1.22 14.79
CAA HEM F . -17.07 -0.97 13.10
CBA HEM F . -18.57 -1.34 13.04
CGA HEM F . -19.39 -0.29 13.71
O1A HEM F . -20.45 -0.65 14.31
O2A HEM F . -19.02 0.94 13.61
C1B HEM F . -14.41 -0.76 18.53
C2B HEM F . -14.01 -0.05 19.73
C3B HEM F . -13.89 -0.93 20.72
C4B HEM F . -14.30 -2.21 20.17
CMB HEM F . -13.64 1.47 19.67
CAB HEM F . -13.51 -0.87 22.21
CBB HEM F . -13.46 0.35 22.80
C1C HEM F . -14.58 -4.62 20.39
C2C HEM F . -14.48 -5.79 21.21
C3C HEM F . -14.71 -6.79 20.35
C4C HEM F . -14.93 -6.17 19.08
CMC HEM F . -14.21 -5.95 22.70
CAC HEM F . -14.66 -8.24 20.79
CBC HEM F . -14.18 -9.26 19.99
C1D HEM F . -15.79 -6.41 16.77
C2D HEM F . -16.40 -7.13 15.72
C3D HEM F . -16.90 -6.16 14.76
C4D HEM F . -16.53 -4.82 15.29
CMD HEM F . -16.55 -8.66 15.61
CAD HEM F . -17.57 -6.43 13.44
CBD HEM F . -16.58 -7.08 12.40
CGD HEM F . -17.35 -7.35 11.18
O1D HEM F . -17.78 -6.40 10.44
O2D HEM F . -17.52 -8.50 10.80
NA HEM F . -15.65 -2.39 16.45
NB HEM F . -14.59 -2.05 18.89
NC HEM F . -14.85 -4.73 19.01
ND HEM F . -15.94 -5.06 16.46
FE HEM F . -15.24 -3.56 17.67
O1 OXY G . -13.50 -3.50 16.62
O2 OXY G . -12.63 -3.96 17.46
CHA HEM H . -2.66 3.87 -20.72
CHB HEM H . -2.14 8.69 -21.05
CHC HEM H . 1.30 8.54 -17.62
CHD HEM H . 1.69 3.83 -18.43
C1A HEM H . -2.83 5.21 -21.04
C2A HEM H . -3.96 5.74 -21.76
C3A HEM H . -3.77 7.06 -21.87
C4A HEM H . -2.60 7.41 -21.21
CMA HEM H . -4.72 8.05 -22.66
CAA HEM H . -5.04 4.85 -22.38
CBA HEM H . -5.97 4.06 -21.46
CGA HEM H . -6.73 4.93 -20.50
O1A HEM H . -6.90 4.56 -19.30
O2A HEM H . -7.23 6.02 -20.92
C1B HEM H . -1.18 9.06 -20.13
C2B HEM H . -0.83 10.40 -19.74
C3B HEM H . 0.16 10.39 -18.81
C4B HEM H . 0.39 8.98 -18.54
CMB HEM H . -1.46 11.65 -20.47
CAB HEM H . 0.95 11.45 -18.03
CBB HEM H . 0.50 12.72 -17.92
C1C HEM H . 1.77 7.24 -17.58
C2C HEM H . 2.88 6.75 -16.73
C3C HEM H . 3.00 5.46 -17.04
C4C HEM H . 1.96 5.10 -17.94
CMC HEM H . 3.64 7.68 -15.79
CAC HEM H . 4.06 4.53 -16.39
CBC HEM H . 4.64 3.57 -17.16
C1D HEM H . 0.52 3.44 -19.03
C2D HEM H . 0.14 2.05 -19.21
C3D HEM H . -1.17 1.99 -19.90
C4D HEM H . -1.50 3.45 -20.10
CMD HEM H . 0.94 0.79 -18.76
CAD HEM H . -2.00 0.78 -20.29
CBD HEM H . -1.52 0.21 -21.58
CGD HEM H . -2.40 -0.98 -21.86
O1D HEM H . -3.56 -0.93 -22.41
O2D HEM H . -1.96 -2.07 -21.51
NA HEM H . -2.05 6.22 -20.63
NB HEM H . -0.38 8.22 -19.37
NC HEM H . 1.20 6.23 -18.32
ND HEM H . -0.51 4.23 -19.59
FE HEM H . -0.43 6.22 -19.47
O1 OXY I . 0.89 6.26 -21.27
O2 OXY I . 1.88 5.99 -22.19
#